data_3U2A
#
_entry.id   3U2A
#
_cell.length_a   63.799
_cell.length_b   41.895
_cell.length_c   48.659
_cell.angle_alpha   90.00
_cell.angle_beta   107.52
_cell.angle_gamma   90.00
#
_symmetry.space_group_name_H-M   'C 1 2 1'
#
loop_
_entity.id
_entity.type
_entity.pdbx_description
1 polymer 'GGDEF family protein'
2 water water
#
_entity_poly.entity_id   1
_entity_poly.type   'polypeptide(L)'
_entity_poly.pdbx_seq_one_letter_code
;SFRTGERRIWDATATLEALGAADVALWIWEPETDRLRLNGAARALGLGPLAPECSSAAFRALALPQDRAQAEEVLKPREP
GSEVVARFRVRGGET(CSO)LWRGVWLEEGVRAAGVVAPETKFSASELCDLTG
;
_entity_poly.pdbx_strand_id   A
#
# COMPACT_ATOMS: atom_id res chain seq x y z
N ILE A 9 -15.63 14.03 -17.65
CA ILE A 9 -15.96 13.41 -16.32
C ILE A 9 -14.84 12.46 -15.89
N TRP A 10 -14.89 12.01 -14.63
CA TRP A 10 -13.95 11.00 -14.13
C TRP A 10 -14.73 9.87 -13.45
N ASP A 11 -14.35 8.62 -13.73
CA ASP A 11 -14.98 7.44 -13.13
C ASP A 11 -13.98 6.36 -12.70
N ALA A 12 -14.48 5.21 -12.26
CA ALA A 12 -13.63 4.13 -11.74
C ALA A 12 -12.66 3.58 -12.78
N THR A 13 -13.13 3.47 -14.03
CA THR A 13 -12.25 3.01 -15.11
CA THR A 13 -12.30 3.04 -15.15
C THR A 13 -11.13 3.99 -15.40
N ALA A 14 -11.41 5.30 -15.35
CA ALA A 14 -10.36 6.32 -15.50
C ALA A 14 -9.31 6.21 -14.40
N THR A 15 -9.76 6.02 -13.16
CA THR A 15 -8.84 5.79 -12.04
C THR A 15 -7.93 4.60 -12.32
N LEU A 16 -8.50 3.45 -12.72
CA LEU A 16 -7.68 2.27 -12.97
C LEU A 16 -6.71 2.46 -14.15
N GLU A 17 -7.16 3.16 -15.19
CA GLU A 17 -6.32 3.46 -16.36
C GLU A 17 -5.08 4.27 -15.99
N ALA A 18 -5.29 5.35 -15.22
CA ALA A 18 -4.18 6.21 -14.79
C ALA A 18 -3.23 5.49 -13.82
N LEU A 19 -3.79 4.76 -12.86
CA LEU A 19 -2.99 3.96 -11.92
C LEU A 19 -2.15 2.91 -12.64
N GLY A 20 -2.79 2.20 -13.58
CA GLY A 20 -2.12 1.19 -14.39
C GLY A 20 -1.00 1.76 -15.23
N ALA A 21 -1.25 2.94 -15.82
CA ALA A 21 -0.29 3.62 -16.69
C ALA A 21 0.94 4.05 -15.91
N ALA A 22 0.71 4.54 -14.69
CA ALA A 22 1.78 4.97 -13.80
C ALA A 22 2.48 3.80 -13.10
N ASP A 23 1.85 2.62 -13.12
CA ASP A 23 2.33 1.42 -12.39
C ASP A 23 2.33 1.66 -10.88
N VAL A 24 1.23 2.23 -10.40
CA VAL A 24 1.05 2.65 -9.01
CA VAL A 24 1.10 2.53 -8.98
C VAL A 24 -0.24 2.00 -8.45
N ALA A 25 -0.32 1.84 -7.13
CA ALA A 25 -1.57 1.43 -6.50
C ALA A 25 -1.91 2.37 -5.34
N LEU A 26 -3.20 2.40 -4.99
CA LEU A 26 -3.63 3.16 -3.83
C LEU A 26 -3.93 2.18 -2.70
N TRP A 27 -3.73 2.62 -1.47
CA TRP A 27 -3.97 1.78 -0.30
C TRP A 27 -4.66 2.57 0.80
N ILE A 28 -5.51 1.85 1.55
CA ILE A 28 -6.08 2.33 2.80
C ILE A 28 -5.88 1.26 3.86
N TRP A 29 -5.38 1.68 5.03
CA TRP A 29 -5.12 0.77 6.14
C TRP A 29 -6.02 1.13 7.32
N GLU A 30 -6.82 0.16 7.76
CA GLU A 30 -7.77 0.38 8.86
C GLU A 30 -7.46 -0.58 9.99
N PRO A 31 -6.63 -0.15 10.97
CA PRO A 31 -6.27 -1.06 12.05
C PRO A 31 -7.48 -1.54 12.88
N GLU A 32 -8.53 -0.71 12.98
CA GLU A 32 -9.74 -1.09 13.72
C GLU A 32 -10.39 -2.36 13.19
N THR A 33 -10.26 -2.59 11.88
CA THR A 33 -10.93 -3.71 11.21
C THR A 33 -9.92 -4.73 10.69
N ASP A 34 -8.63 -4.46 10.91
CA ASP A 34 -7.52 -5.26 10.38
C ASP A 34 -7.61 -5.48 8.86
N ARG A 35 -8.00 -4.41 8.16
CA ARG A 35 -8.22 -4.45 6.72
CA ARG A 35 -8.21 -4.46 6.72
C ARG A 35 -7.28 -3.49 6.00
N LEU A 36 -6.42 -4.04 5.13
CA LEU A 36 -5.63 -3.23 4.20
C LEU A 36 -6.29 -3.40 2.83
N ARG A 37 -6.69 -2.28 2.23
CA ARG A 37 -7.30 -2.31 0.90
C ARG A 37 -6.37 -1.75 -0.16
N LEU A 38 -6.37 -2.40 -1.33
CA LEU A 38 -5.57 -1.95 -2.48
C LEU A 38 -6.42 -1.74 -3.73
N ASN A 39 -6.05 -0.73 -4.52
CA ASN A 39 -6.69 -0.42 -5.79
C ASN A 39 -5.64 0.05 -6.80
N GLY A 40 -5.65 -0.52 -8.00
CA GLY A 40 -4.73 -0.11 -9.05
C GLY A 40 -3.80 -1.24 -9.43
N ALA A 41 -2.53 -0.91 -9.66
CA ALA A 41 -1.56 -1.84 -10.25
C ALA A 41 -0.94 -2.80 -9.23
N ALA A 42 -1.77 -3.37 -8.36
CA ALA A 42 -1.28 -4.28 -7.32
C ALA A 42 -0.53 -5.46 -7.92
N ARG A 43 -1.14 -6.13 -8.90
CA ARG A 43 -0.51 -7.30 -9.53
C ARG A 43 0.88 -6.99 -10.09
N ALA A 44 0.99 -5.91 -10.85
CA ALA A 44 2.25 -5.46 -11.43
C ALA A 44 3.33 -5.21 -10.38
N LEU A 45 2.92 -4.80 -9.18
CA LEU A 45 3.85 -4.45 -8.12
C LEU A 45 4.25 -5.63 -7.22
N GLY A 46 3.68 -6.80 -7.49
CA GLY A 46 3.94 -7.98 -6.65
C GLY A 46 2.92 -8.12 -5.53
N LEU A 47 1.96 -7.19 -5.49
CA LEU A 47 0.99 -7.13 -4.40
C LEU A 47 -0.33 -7.84 -4.73
N GLY A 48 -0.35 -8.54 -5.86
CA GLY A 48 -1.53 -9.27 -6.30
C GLY A 48 -2.20 -10.15 -5.26
N PRO A 49 -1.43 -10.95 -4.51
CA PRO A 49 -1.99 -11.82 -3.46
C PRO A 49 -2.75 -11.08 -2.34
N LEU A 50 -2.47 -9.79 -2.17
CA LEU A 50 -3.11 -8.99 -1.12
C LEU A 50 -4.38 -8.30 -1.59
N ALA A 51 -4.48 -8.06 -2.89
CA ALA A 51 -5.60 -7.29 -3.45
C ALA A 51 -6.83 -8.17 -3.64
N PRO A 52 -8.05 -7.59 -3.47
CA PRO A 52 -8.40 -6.19 -3.19
C PRO A 52 -8.31 -5.80 -1.71
N GLU A 53 -8.25 -6.79 -0.82
CA GLU A 53 -8.22 -6.57 0.62
C GLU A 53 -7.53 -7.73 1.32
N CYS A 54 -6.77 -7.41 2.37
CA CYS A 54 -6.09 -8.43 3.16
C CYS A 54 -5.97 -8.02 4.62
N SER A 55 -5.57 -8.98 5.45
CA SER A 55 -5.25 -8.73 6.84
C SER A 55 -3.83 -8.20 7.00
N SER A 56 -3.53 -7.65 8.17
CA SER A 56 -2.16 -7.25 8.46
C SER A 56 -1.20 -8.46 8.44
N ALA A 57 -1.68 -9.62 8.89
CA ALA A 57 -0.85 -10.84 8.86
C ALA A 57 -0.47 -11.25 7.44
N ALA A 58 -1.40 -11.16 6.50
CA ALA A 58 -1.15 -11.48 5.09
C ALA A 58 -0.12 -10.51 4.50
N PHE A 59 -0.25 -9.24 4.86
CA PHE A 59 0.67 -8.19 4.44
C PHE A 59 2.09 -8.50 4.92
N ARG A 60 2.24 -8.77 6.21
CA ARG A 60 3.58 -9.09 6.78
C ARG A 60 4.19 -10.33 6.13
N ALA A 61 3.34 -11.32 5.87
CA ALA A 61 3.79 -12.61 5.31
C ALA A 61 4.32 -12.48 3.88
N LEU A 62 3.83 -11.47 3.15
CA LEU A 62 4.26 -11.27 1.78
C LEU A 62 5.58 -10.50 1.67
N ALA A 63 5.90 -9.68 2.66
CA ALA A 63 7.20 -9.00 2.72
C ALA A 63 8.33 -10.03 2.75
N LEU A 64 9.46 -9.71 2.11
CA LEU A 64 10.67 -10.49 2.34
C LEU A 64 10.93 -10.48 3.86
N PRO A 65 11.28 -11.64 4.44
CA PRO A 65 11.42 -11.70 5.90
C PRO A 65 12.36 -10.63 6.45
N GLN A 66 13.50 -10.38 5.80
CA GLN A 66 14.47 -9.38 6.27
C GLN A 66 13.95 -7.94 6.18
N ASP A 67 12.88 -7.73 5.41
CA ASP A 67 12.28 -6.41 5.21
C ASP A 67 11.03 -6.16 6.07
N ARG A 68 10.75 -7.06 7.01
N ARG A 68 10.74 -7.09 6.99
CA ARG A 68 9.50 -6.96 7.78
CA ARG A 68 9.54 -7.02 7.83
C ARG A 68 9.44 -5.81 8.79
C ARG A 68 9.46 -5.75 8.67
N ALA A 69 10.60 -5.33 9.24
CA ALA A 69 10.64 -4.10 10.05
C ALA A 69 10.17 -2.90 9.23
N GLN A 70 10.66 -2.79 8.00
CA GLN A 70 10.23 -1.74 7.08
C GLN A 70 8.75 -1.84 6.69
N ALA A 71 8.26 -3.05 6.40
CA ALA A 71 6.82 -3.31 6.17
C ALA A 71 5.94 -2.81 7.31
N GLU A 72 6.40 -3.03 8.55
CA GLU A 72 5.64 -2.65 9.73
C GLU A 72 5.44 -1.15 9.84
N GLU A 73 6.36 -0.38 9.25
CA GLU A 73 6.24 1.08 9.24
C GLU A 73 4.97 1.58 8.53
N VAL A 74 4.43 0.76 7.61
CA VAL A 74 3.13 1.05 7.02
C VAL A 74 1.98 0.87 8.02
N LEU A 75 2.00 -0.25 8.76
CA LEU A 75 0.87 -0.67 9.62
C LEU A 75 0.83 -0.03 11.00
N LYS A 76 1.99 0.42 11.49
CA LYS A 76 2.10 1.03 12.81
C LYS A 76 1.13 2.19 12.95
N PRO A 77 0.23 2.13 13.96
CA PRO A 77 -0.69 3.29 14.13
C PRO A 77 0.07 4.55 14.51
N ARG A 78 -0.42 5.68 14.03
CA ARG A 78 0.17 6.98 14.35
C ARG A 78 -0.95 8.00 14.52
N GLU A 79 -0.60 9.13 15.11
CA GLU A 79 -1.56 10.21 15.30
C GLU A 79 -1.93 10.84 13.95
N PRO A 80 -3.14 11.44 13.86
CA PRO A 80 -3.55 12.08 12.61
C PRO A 80 -2.54 13.09 12.10
N GLY A 81 -2.27 13.05 10.80
CA GLY A 81 -1.28 13.94 10.20
C GLY A 81 0.12 13.36 10.10
N SER A 82 0.37 12.24 10.78
CA SER A 82 1.68 11.58 10.74
C SER A 82 1.96 10.99 9.35
N GLU A 83 3.11 11.34 8.77
CA GLU A 83 3.51 10.79 7.48
C GLU A 83 3.82 9.31 7.60
N VAL A 84 3.45 8.56 6.55
CA VAL A 84 3.85 7.17 6.38
C VAL A 84 4.84 7.14 5.22
N VAL A 85 6.06 6.67 5.50
CA VAL A 85 7.09 6.48 4.48
C VAL A 85 7.77 5.14 4.75
N ALA A 86 7.71 4.25 3.78
CA ALA A 86 8.33 2.94 3.94
C ALA A 86 8.78 2.41 2.59
N ARG A 87 9.81 1.57 2.63
CA ARG A 87 10.23 0.90 1.40
C ARG A 87 10.64 -0.52 1.73
N PHE A 88 10.13 -1.48 0.99
CA PHE A 88 10.46 -2.88 1.23
C PHE A 88 10.15 -3.73 0.02
N ARG A 89 10.70 -4.95 0.01
CA ARG A 89 10.49 -5.87 -1.09
C ARG A 89 9.44 -6.87 -0.66
N VAL A 90 8.67 -7.37 -1.62
CA VAL A 90 7.77 -8.49 -1.37
C VAL A 90 8.28 -9.71 -2.13
N ARG A 91 7.72 -10.88 -1.84
CA ARG A 91 8.07 -12.11 -2.55
C ARG A 91 7.98 -11.87 -4.06
N GLY A 92 9.01 -12.30 -4.79
CA GLY A 92 9.13 -11.98 -6.21
C GLY A 92 10.31 -11.03 -6.41
N GLY A 93 10.54 -10.19 -5.42
CA GLY A 93 11.76 -9.37 -5.36
C GLY A 93 11.64 -7.86 -5.55
N GLU A 94 10.51 -7.35 -6.02
CA GLU A 94 10.46 -5.92 -6.34
C GLU A 94 10.24 -4.97 -5.15
N THR A 95 11.01 -3.89 -5.13
CA THR A 95 11.00 -2.92 -4.04
C THR A 95 9.99 -1.86 -4.37
N LEU A 97 8.00 1.76 -2.80
CA LEU A 97 7.88 2.85 -1.87
C LEU A 97 6.41 3.08 -1.54
N TRP A 98 6.13 3.08 -0.24
CA TRP A 98 4.80 3.42 0.28
C TRP A 98 4.86 4.81 0.88
N ARG A 99 3.97 5.70 0.42
CA ARG A 99 3.89 7.07 0.94
C ARG A 99 2.45 7.44 1.22
N GLY A 100 2.18 7.93 2.43
CA GLY A 100 0.81 8.37 2.75
C GLY A 100 0.79 9.12 4.06
N VAL A 101 -0.36 9.10 4.73
CA VAL A 101 -0.53 9.85 5.98
C VAL A 101 -1.65 9.21 6.79
N TRP A 102 -1.60 9.40 8.10
CA TRP A 102 -2.71 9.08 8.98
C TRP A 102 -3.78 10.17 8.83
N LEU A 103 -5.00 9.72 8.55
CA LEU A 103 -6.11 10.61 8.20
C LEU A 103 -6.71 11.32 9.41
N GLU A 104 -7.54 12.32 9.16
CA GLU A 104 -8.15 13.09 10.24
C GLU A 104 -9.32 12.39 10.93
N GLU A 105 -10.04 11.58 10.17
CA GLU A 105 -11.22 10.91 10.66
C GLU A 105 -10.92 9.44 10.95
N GLY A 106 -11.18 9.02 12.19
CA GLY A 106 -10.88 7.65 12.63
C GLY A 106 -9.39 7.45 12.87
N VAL A 107 -9.02 6.19 13.04
CA VAL A 107 -7.62 5.80 13.19
C VAL A 107 -7.33 4.98 11.94
N ARG A 108 -6.95 5.68 10.87
CA ARG A 108 -6.79 5.12 9.51
C ARG A 108 -5.66 5.84 8.78
N ALA A 109 -5.00 5.11 7.87
CA ALA A 109 -3.97 5.69 7.00
C ALA A 109 -4.30 5.38 5.54
N ALA A 110 -3.80 6.20 4.64
CA ALA A 110 -4.01 5.97 3.21
C ALA A 110 -2.84 6.53 2.42
N GLY A 111 -2.68 6.09 1.17
CA GLY A 111 -1.62 6.64 0.35
C GLY A 111 -1.42 5.91 -0.94
N VAL A 112 -0.21 6.06 -1.47
CA VAL A 112 0.20 5.44 -2.73
CA VAL A 112 0.18 5.44 -2.72
C VAL A 112 1.33 4.43 -2.51
N VAL A 113 1.40 3.45 -3.38
CA VAL A 113 2.55 2.56 -3.41
C VAL A 113 3.05 2.52 -4.85
N ALA A 114 4.36 2.65 -4.99
CA ALA A 114 4.98 2.84 -6.29
C ALA A 114 6.23 2.00 -6.41
N PRO A 115 6.60 1.60 -7.63
CA PRO A 115 7.85 0.86 -7.79
C PRO A 115 9.03 1.81 -7.68
N GLU A 116 10.06 1.44 -6.94
CA GLU A 116 11.17 2.37 -6.78
C GLU A 116 12.04 2.46 -8.06
N THR A 117 11.84 1.52 -8.98
CA THR A 117 12.45 1.55 -10.30
C THR A 117 11.99 2.76 -11.12
N LYS A 118 10.94 3.43 -10.64
CA LYS A 118 10.34 4.60 -11.30
C LYS A 118 10.20 5.79 -10.34
N PHE A 119 9.94 5.50 -9.06
CA PHE A 119 9.71 6.54 -8.05
C PHE A 119 10.65 6.34 -6.86
N SER A 120 11.14 7.44 -6.29
CA SER A 120 12.09 7.40 -5.16
C SER A 120 11.62 8.18 -3.93
#